data_2X0P
#
_entry.id   2X0P
#
_cell.length_a   92.964
_cell.length_b   128.948
_cell.length_c   48.211
_cell.angle_alpha   90.00
_cell.angle_beta   90.00
_cell.angle_gamma   90.00
#
_symmetry.space_group_name_H-M   'P 21 21 2'
#
loop_
_entity.id
_entity.type
_entity.pdbx_description
1 polymer 'ALCALIGIN BIOSYNTHESIS PROTEIN'
2 non-polymer 'SULFATE ION'
3 non-polymer ADENOSINE
4 water water
#
_entity_poly.entity_id   1
_entity_poly.type   'polypeptide(L)'
_entity_poly.pdbx_seq_one_letter_code
;MSRTTPPHPAEIVAHLQPEIWNKVNRLLVRKAISEYAHEWLLEPQRLGPGETPGFERFRLTLADGAQYDFDAQVMAMRHW
RIPPESIVKTVAGVPAPLDALQFVIEIRDKLGLPVDRLPIYMDEITSTLHGSAYKHGRTTLGAAALARADYQTIETSMIE
GHPSFVANNGRLGFDAEDYHGYAPEAATPVRLMWLAVHKDNAHFSCLSDMDYDSLMSEELGESAVTDFAARLREQGLHPA
DYYFMPAHPWQWFNKLSLAFAPYVAQRKIVCLGYGEEQYLAQQSIRTFFNISRPGKRYVKTSLSILNMGFMRGLSPYYMA
GTPAINEYIHDLISADPWLRANGFRILREVASMGFRNYYYEAAIDTDTPYKKMFSALWRENPLTLIAPGQNLMTMAALLH
VDPQGRALLPELIQASGLDAGTWLERYVDAYLTPLIHCFYAHDLVFMPHGENVILVIQDGVPVRAFMKDIAEESSILNPQ
VRLPQAAQRLAADVPEAYKLLTIFVDVFEGYFRHLTQILVETELMPEHDFWRLVAGRIAAYQQAHPQRLDKYRRYDLFAP
DMIHSCLNRLQLANNLQMVNLADPIGSFQMAPNLPNPIACFRPSWLGSGEALQTLTAA
;
_entity_poly.pdbx_strand_id   A
#
# COMPACT_ATOMS: atom_id res chain seq x y z
N PRO A 7 2.68 3.29 -34.09
CA PRO A 7 3.24 3.99 -32.88
C PRO A 7 4.78 4.04 -32.92
N HIS A 8 5.36 5.23 -32.91
CA HIS A 8 6.82 5.34 -32.95
C HIS A 8 7.43 4.72 -31.68
N PRO A 9 8.42 3.82 -31.85
CA PRO A 9 9.00 3.10 -30.70
C PRO A 9 9.68 3.99 -29.64
N ALA A 10 9.98 5.24 -30.00
CA ALA A 10 10.57 6.20 -29.05
C ALA A 10 9.56 6.77 -28.04
N GLU A 11 8.27 6.69 -28.36
CA GLU A 11 7.24 7.41 -27.61
C GLU A 11 7.05 6.84 -26.22
N ILE A 12 7.29 5.54 -26.07
CA ILE A 12 7.16 4.88 -24.77
C ILE A 12 8.13 5.40 -23.69
N VAL A 13 9.21 6.07 -24.10
CA VAL A 13 10.07 6.74 -23.09
C VAL A 13 10.25 8.26 -23.32
N ALA A 14 9.27 8.88 -23.97
CA ALA A 14 9.23 10.33 -24.17
C ALA A 14 9.32 11.09 -22.84
N HIS A 15 8.91 10.44 -21.75
CA HIS A 15 8.87 11.05 -20.44
C HIS A 15 10.27 11.12 -19.84
N LEU A 16 11.22 10.43 -20.46
CA LEU A 16 12.61 10.42 -19.98
C LEU A 16 13.42 11.51 -20.68
N GLN A 17 13.48 12.65 -20.02
CA GLN A 17 14.20 13.81 -20.52
C GLN A 17 15.20 14.23 -19.43
N PRO A 18 16.25 14.99 -19.81
CA PRO A 18 17.30 15.35 -18.85
C PRO A 18 16.83 16.11 -17.61
N GLU A 19 16.03 17.15 -17.79
CA GLU A 19 15.71 18.06 -16.67
C GLU A 19 14.80 17.36 -15.65
N ILE A 20 13.80 16.65 -16.15
CA ILE A 20 12.89 15.90 -15.31
C ILE A 20 13.64 14.74 -14.62
N TRP A 21 14.53 14.07 -15.35
CA TRP A 21 15.32 12.99 -14.77
C TRP A 21 16.13 13.49 -13.57
N ASN A 22 16.78 14.64 -13.75
CA ASN A 22 17.58 15.26 -12.71
C ASN A 22 16.74 15.62 -11.49
N LYS A 23 15.51 16.09 -11.73
CA LYS A 23 14.60 16.47 -10.67
C LYS A 23 14.22 15.28 -9.80
N VAL A 24 13.83 14.18 -10.43
CA VAL A 24 13.38 12.99 -9.71
C VAL A 24 14.52 12.24 -9.03
N ASN A 25 15.71 12.32 -9.64
CA ASN A 25 16.92 11.77 -9.03
C ASN A 25 17.28 12.47 -7.73
N ARG A 26 17.19 13.80 -7.73
CA ARG A 26 17.44 14.61 -6.53
C ARG A 26 16.42 14.24 -5.46
N LEU A 27 15.16 14.08 -5.83
CA LEU A 27 14.13 13.68 -4.87
C LEU A 27 14.43 12.31 -4.27
N LEU A 28 14.90 11.36 -5.09
CA LEU A 28 15.16 9.99 -4.59
C LEU A 28 16.44 9.90 -3.77
N VAL A 29 17.45 10.67 -4.14
CA VAL A 29 18.65 10.74 -3.31
C VAL A 29 18.26 11.21 -1.91
N ARG A 30 17.44 12.27 -1.82
CA ARG A 30 16.95 12.78 -0.52
C ARG A 30 16.31 11.66 0.31
N LYS A 31 15.36 10.94 -0.29
CA LYS A 31 14.69 9.83 0.35
C LYS A 31 15.63 8.69 0.76
N ALA A 32 16.54 8.30 -0.13
CA ALA A 32 17.54 7.29 0.17
C ALA A 32 18.42 7.71 1.34
N ILE A 33 18.88 8.95 1.32
CA ILE A 33 19.71 9.43 2.43
C ILE A 33 18.90 9.41 3.75
N SER A 34 17.71 10.02 3.70
CA SER A 34 16.83 10.10 4.88
C SER A 34 16.54 8.72 5.47
N GLU A 35 16.06 7.79 4.63
CA GLU A 35 15.58 6.48 5.08
C GLU A 35 16.67 5.50 5.50
N TYR A 36 17.80 5.49 4.78
CA TYR A 36 18.95 4.68 5.16
C TYR A 36 19.60 5.16 6.45
N ALA A 37 19.71 6.48 6.60
CA ALA A 37 20.20 7.09 7.85
C ALA A 37 19.30 6.67 9.02
N HIS A 38 18.00 6.81 8.80
CA HIS A 38 16.97 6.43 9.76
C HIS A 38 17.14 4.99 10.24
N GLU A 39 17.51 4.11 9.32
CA GLU A 39 17.69 2.70 9.65
C GLU A 39 19.14 2.32 10.02
N TRP A 40 20.00 3.31 10.23
CA TRP A 40 21.40 3.11 10.68
C TRP A 40 22.35 2.55 9.62
N LEU A 41 21.87 2.42 8.39
CA LEU A 41 22.72 2.05 7.25
C LEU A 41 23.68 3.20 6.99
N LEU A 42 23.19 4.40 7.21
CA LEU A 42 24.02 5.58 7.06
C LEU A 42 24.15 6.26 8.40
N GLU A 43 25.35 6.76 8.70
CA GLU A 43 25.53 7.60 9.88
C GLU A 43 26.15 8.93 9.49
N PRO A 44 25.30 9.92 9.17
CA PRO A 44 25.78 11.23 8.75
C PRO A 44 26.60 11.91 9.85
N GLN A 45 27.64 12.60 9.44
CA GLN A 45 28.58 13.26 10.35
C GLN A 45 28.26 14.77 10.33
N ARG A 46 27.94 15.33 11.50
CA ARG A 46 27.60 16.75 11.62
C ARG A 46 28.82 17.59 11.29
N LEU A 47 28.61 18.61 10.44
CA LEU A 47 29.70 19.48 10.02
C LEU A 47 29.64 20.84 10.70
N GLY A 48 28.43 21.34 10.91
CA GLY A 48 28.22 22.72 11.36
C GLY A 48 26.78 23.10 11.10
N PRO A 49 26.52 24.41 10.90
CA PRO A 49 25.17 24.93 10.67
C PRO A 49 24.72 24.75 9.21
N GLY A 50 23.43 24.57 9.00
CA GLY A 50 22.88 24.35 7.65
C GLY A 50 22.85 25.58 6.74
N GLU A 51 22.80 25.33 5.42
CA GLU A 51 22.53 26.38 4.42
C GLU A 51 21.23 27.12 4.81
N THR A 52 20.24 26.35 5.24
CA THR A 52 18.99 26.89 5.76
C THR A 52 19.12 27.04 7.28
N PRO A 53 18.75 28.24 7.80
CA PRO A 53 18.76 28.45 9.24
C PRO A 53 17.78 27.55 9.97
N GLY A 54 18.24 26.93 11.05
CA GLY A 54 17.42 26.02 11.83
C GLY A 54 17.73 24.58 11.51
N PHE A 55 18.51 24.37 10.45
CA PHE A 55 19.01 23.05 10.11
C PHE A 55 20.48 22.99 10.51
N GLU A 56 21.01 21.79 10.66
CA GLU A 56 22.44 21.62 10.73
C GLU A 56 22.93 20.93 9.47
N ARG A 57 24.21 21.09 9.17
CA ARG A 57 24.79 20.49 7.99
C ARG A 57 25.46 19.17 8.33
N PHE A 58 25.21 18.17 7.50
CA PHE A 58 25.78 16.85 7.68
C PHE A 58 26.54 16.44 6.44
N ARG A 59 27.44 15.48 6.62
CA ARG A 59 28.27 14.94 5.54
C ARG A 59 28.20 13.42 5.53
N LEU A 60 28.12 12.86 4.33
CA LEU A 60 28.37 11.45 4.11
C LEU A 60 29.60 11.29 3.24
N THR A 61 30.59 10.56 3.75
CA THR A 61 31.81 10.26 3.00
C THR A 61 31.81 8.80 2.55
N LEU A 62 31.72 8.60 1.24
CA LEU A 62 31.36 7.31 0.69
C LEU A 62 32.45 6.63 -0.13
N ALA A 63 32.03 6.09 -1.28
CA ALA A 63 32.82 5.16 -2.13
C ALA A 63 34.21 5.65 -2.53
N ASP A 64 34.98 6.09 -1.53
CA ASP A 64 36.34 6.55 -1.74
C ASP A 64 36.33 7.65 -2.78
N GLY A 65 35.81 8.81 -2.38
CA GLY A 65 35.72 9.92 -3.31
C GLY A 65 34.41 10.67 -3.23
N ALA A 66 33.30 9.93 -3.30
CA ALA A 66 31.97 10.55 -3.27
C ALA A 66 31.68 11.18 -1.91
N GLN A 67 31.22 12.43 -1.94
CA GLN A 67 30.86 13.14 -0.72
C GLN A 67 29.52 13.82 -0.93
N TYR A 68 28.65 13.68 0.06
CA TYR A 68 27.33 14.31 0.03
C TYR A 68 27.22 15.14 1.28
N ASP A 69 27.05 16.45 1.11
CA ASP A 69 26.68 17.34 2.18
C ASP A 69 25.20 17.73 2.03
N PHE A 70 24.53 17.89 3.15
CA PHE A 70 23.10 18.19 3.16
C PHE A 70 22.70 18.84 4.47
N ASP A 71 21.59 19.58 4.44
CA ASP A 71 20.97 20.02 5.67
C ASP A 71 20.03 18.96 6.21
N ALA A 72 20.01 18.79 7.53
CA ALA A 72 19.02 17.96 8.17
C ALA A 72 18.55 18.55 9.49
N GLN A 73 17.32 18.18 9.84
CA GLN A 73 16.79 18.34 11.16
C GLN A 73 16.34 16.93 11.57
N VAL A 74 16.90 16.42 12.67
CA VAL A 74 16.57 15.06 13.10
C VAL A 74 15.39 15.14 14.05
N MET A 75 14.25 14.68 13.56
CA MET A 75 12.99 14.76 14.28
C MET A 75 12.82 13.48 15.08
N ALA A 76 11.64 13.28 15.67
CA ALA A 76 11.37 12.10 16.50
C ALA A 76 11.49 10.82 15.69
N MET A 77 11.75 9.71 16.39
CA MET A 77 11.98 8.39 15.77
C MET A 77 13.16 8.42 14.78
N ARG A 78 14.21 9.17 15.13
CA ARG A 78 15.43 9.22 14.31
C ARG A 78 15.06 9.52 12.86
N HIS A 79 14.22 10.53 12.67
CA HIS A 79 13.80 10.92 11.33
C HIS A 79 14.59 12.11 10.80
N TRP A 80 15.20 11.90 9.65
CA TRP A 80 16.05 12.90 9.02
C TRP A 80 15.24 13.68 8.02
N ARG A 81 14.86 14.90 8.41
CA ARG A 81 14.16 15.80 7.53
C ARG A 81 15.19 16.55 6.69
N ILE A 82 15.15 16.35 5.38
CA ILE A 82 16.21 16.87 4.51
C ILE A 82 15.60 17.64 3.36
N PRO A 83 15.87 18.96 3.27
CA PRO A 83 15.42 19.73 2.12
C PRO A 83 16.16 19.26 0.87
N PRO A 84 15.42 18.80 -0.16
CA PRO A 84 16.12 18.21 -1.32
C PRO A 84 17.17 19.15 -1.93
N GLU A 85 16.83 20.42 -2.11
CA GLU A 85 17.77 21.36 -2.73
C GLU A 85 19.06 21.64 -1.95
N SER A 86 19.13 21.17 -0.71
CA SER A 86 20.31 21.38 0.15
C SER A 86 21.42 20.37 -0.10
N ILE A 87 21.11 19.31 -0.85
CA ILE A 87 22.04 18.20 -1.02
C ILE A 87 23.08 18.55 -2.08
N VAL A 88 24.35 18.43 -1.70
CA VAL A 88 25.46 18.77 -2.58
C VAL A 88 26.43 17.58 -2.69
N LYS A 89 26.52 17.03 -3.89
CA LYS A 89 27.45 15.93 -4.15
C LYS A 89 28.74 16.47 -4.75
N THR A 90 29.87 15.99 -4.24
CA THR A 90 31.15 16.18 -4.90
C THR A 90 31.87 14.86 -4.97
N VAL A 91 32.73 14.72 -5.97
CA VAL A 91 33.53 13.54 -6.15
C VAL A 91 34.97 14.04 -6.21
N ALA A 92 35.70 13.82 -5.12
CA ALA A 92 37.08 14.26 -4.97
C ALA A 92 37.21 15.76 -5.26
N GLY A 93 36.40 16.56 -4.58
CA GLY A 93 36.38 18.02 -4.73
C GLY A 93 35.65 18.60 -5.93
N VAL A 94 35.13 17.74 -6.80
CA VAL A 94 34.46 18.21 -8.02
C VAL A 94 32.94 18.02 -7.94
N PRO A 95 32.16 19.11 -8.20
CA PRO A 95 30.70 19.06 -8.28
C PRO A 95 30.21 17.97 -9.22
N ALA A 96 29.18 17.24 -8.80
CA ALA A 96 28.62 16.15 -9.58
C ALA A 96 27.11 16.11 -9.37
N PRO A 97 26.36 15.78 -10.43
CA PRO A 97 24.89 15.79 -10.37
C PRO A 97 24.39 14.68 -9.45
N LEU A 98 23.29 14.93 -8.76
CA LEU A 98 22.66 13.89 -7.97
C LEU A 98 22.07 12.84 -8.90
N ASP A 99 22.43 11.59 -8.60
CA ASP A 99 22.09 10.44 -9.40
C ASP A 99 21.80 9.31 -8.40
N ALA A 100 20.54 8.88 -8.36
CA ALA A 100 20.10 7.95 -7.32
C ALA A 100 20.67 6.55 -7.53
N LEU A 101 20.69 6.09 -8.78
CA LEU A 101 21.32 4.80 -9.10
C LEU A 101 22.79 4.81 -8.66
N GLN A 102 23.49 5.90 -8.96
CA GLN A 102 24.90 6.05 -8.64
C GLN A 102 25.16 6.04 -7.12
N PHE A 103 24.28 6.69 -6.38
CA PHE A 103 24.30 6.70 -4.92
C PHE A 103 24.21 5.29 -4.35
N VAL A 104 23.20 4.55 -4.77
CA VAL A 104 23.08 3.14 -4.35
C VAL A 104 24.36 2.33 -4.62
N ILE A 105 24.98 2.57 -5.79
CA ILE A 105 26.27 1.93 -6.10
C ILE A 105 27.34 2.34 -5.10
N GLU A 106 27.38 3.63 -4.79
CA GLU A 106 28.39 4.19 -3.87
C GLU A 106 28.27 3.62 -2.44
N ILE A 107 27.09 3.11 -2.11
CA ILE A 107 26.87 2.56 -0.78
C ILE A 107 26.64 1.04 -0.81
N ARG A 108 27.03 0.39 -1.92
CA ARG A 108 26.78 -1.04 -2.11
C ARG A 108 27.33 -1.91 -0.96
N ASP A 109 28.51 -1.57 -0.46
CA ASP A 109 29.11 -2.27 0.65
C ASP A 109 28.28 -2.12 1.94
N LYS A 110 27.81 -0.90 2.19
CA LYS A 110 26.92 -0.61 3.32
C LYS A 110 25.54 -1.28 3.20
N LEU A 111 25.10 -1.50 1.96
CA LEU A 111 23.80 -2.12 1.68
C LEU A 111 23.76 -3.59 2.04
N GLY A 112 24.89 -4.27 1.90
CA GLY A 112 25.01 -5.68 2.23
C GLY A 112 24.17 -6.54 1.31
N LEU A 113 24.45 -6.43 0.01
CA LEU A 113 23.72 -7.17 -1.01
C LEU A 113 24.65 -8.17 -1.67
N PRO A 114 24.24 -9.46 -1.72
CA PRO A 114 24.99 -10.41 -2.52
C PRO A 114 25.08 -9.88 -3.94
N VAL A 115 26.28 -9.91 -4.51
CA VAL A 115 26.55 -9.24 -5.79
C VAL A 115 25.93 -10.01 -6.99
N ASP A 116 24.61 -10.17 -6.92
CA ASP A 116 23.77 -10.89 -7.90
C ASP A 116 22.31 -10.58 -7.60
N ARG A 117 22.05 -10.18 -6.36
CA ARG A 117 20.82 -9.46 -6.04
C ARG A 117 21.03 -7.96 -6.28
N LEU A 118 22.28 -7.49 -6.21
CA LEU A 118 22.58 -6.04 -6.35
C LEU A 118 22.01 -5.40 -7.63
N PRO A 119 22.30 -6.00 -8.82
CA PRO A 119 21.76 -5.46 -10.05
C PRO A 119 20.24 -5.49 -10.11
N ILE A 120 19.62 -6.46 -9.44
CA ILE A 120 18.17 -6.49 -9.30
C ILE A 120 17.67 -5.24 -8.54
N TYR A 121 18.30 -4.92 -7.41
CA TYR A 121 17.94 -3.78 -6.58
C TYR A 121 18.17 -2.47 -7.35
N MET A 122 19.31 -2.38 -8.03
CA MET A 122 19.58 -1.29 -8.98
C MET A 122 18.45 -1.14 -10.02
N ASP A 123 17.96 -2.26 -10.58
CA ASP A 123 16.87 -2.22 -11.57
C ASP A 123 15.55 -1.71 -10.96
N GLU A 124 15.29 -2.09 -9.70
CA GLU A 124 14.15 -1.55 -8.97
C GLU A 124 14.25 -0.03 -8.74
N ILE A 125 15.44 0.45 -8.36
CA ILE A 125 15.69 1.89 -8.20
C ILE A 125 15.43 2.60 -9.54
N THR A 126 16.02 2.07 -10.60
CA THR A 126 15.85 2.63 -11.95
C THR A 126 14.39 2.68 -12.39
N SER A 127 13.66 1.60 -12.14
CA SER A 127 12.25 1.57 -12.49
C SER A 127 11.44 2.55 -11.66
N THR A 128 11.82 2.69 -10.38
CA THR A 128 11.20 3.68 -9.47
C THR A 128 11.41 5.09 -10.05
N LEU A 129 12.63 5.35 -10.51
CA LEU A 129 12.94 6.63 -11.11
C LEU A 129 12.17 6.88 -12.41
N HIS A 130 12.11 5.86 -13.27
CA HIS A 130 11.42 5.90 -14.54
C HIS A 130 9.95 6.24 -14.32
N GLY A 131 9.31 5.61 -13.33
CA GLY A 131 7.91 5.89 -12.97
C GLY A 131 7.75 7.31 -12.41
N SER A 132 8.65 7.67 -11.51
CA SER A 132 8.71 9.02 -10.95
C SER A 132 8.84 10.11 -12.03
N ALA A 133 9.71 9.90 -13.01
CA ALA A 133 9.80 10.82 -14.17
C ALA A 133 8.46 10.98 -14.88
N TYR A 134 7.76 9.86 -15.08
CA TYR A 134 6.51 9.88 -15.78
C TYR A 134 5.45 10.66 -14.98
N LYS A 135 5.42 10.41 -13.67
CA LYS A 135 4.42 10.98 -12.79
C LYS A 135 4.60 12.48 -12.64
N HIS A 136 5.86 12.92 -12.60
CA HIS A 136 6.18 14.34 -12.48
C HIS A 136 6.02 15.07 -13.81
N GLY A 137 6.14 14.34 -14.93
CA GLY A 137 6.01 14.95 -16.24
C GLY A 137 4.57 14.96 -16.74
N ARG A 138 3.73 14.08 -16.24
CA ARG A 138 2.38 13.96 -16.78
C ARG A 138 1.49 15.17 -16.47
N THR A 139 0.46 15.36 -17.28
CA THR A 139 -0.51 16.41 -17.00
C THR A 139 -1.32 15.92 -15.81
N THR A 140 -1.38 16.75 -14.76
CA THR A 140 -2.00 16.32 -13.50
C THR A 140 -2.50 17.52 -12.65
N LEU A 141 -3.48 17.27 -11.79
CA LEU A 141 -3.97 18.29 -10.90
C LEU A 141 -2.92 18.68 -9.85
N GLY A 142 -2.85 19.98 -9.54
CA GLY A 142 -2.04 20.48 -8.44
C GLY A 142 -2.70 20.20 -7.09
N ALA A 143 -1.99 20.53 -6.01
CA ALA A 143 -2.46 20.26 -4.66
C ALA A 143 -3.87 20.77 -4.39
N ALA A 144 -4.14 22.04 -4.71
CA ALA A 144 -5.44 22.66 -4.41
C ALA A 144 -6.57 21.87 -5.06
N ALA A 145 -6.41 21.62 -6.36
CA ALA A 145 -7.47 20.99 -7.13
C ALA A 145 -7.60 19.52 -6.69
N LEU A 146 -6.47 18.87 -6.44
CA LEU A 146 -6.47 17.44 -6.09
C LEU A 146 -7.18 17.21 -4.76
N ALA A 147 -6.95 18.14 -3.82
CA ALA A 147 -7.58 18.07 -2.49
C ALA A 147 -9.10 18.11 -2.55
N ARG A 148 -9.63 18.63 -3.66
CA ARG A 148 -11.06 18.77 -3.91
C ARG A 148 -11.60 17.80 -4.99
N ALA A 149 -10.75 16.88 -5.45
CA ALA A 149 -11.03 15.98 -6.57
C ALA A 149 -11.77 14.71 -6.13
N ASP A 150 -12.35 13.97 -7.08
CA ASP A 150 -13.07 12.73 -6.74
C ASP A 150 -12.14 11.56 -6.37
N TYR A 151 -12.73 10.49 -5.86
CA TYR A 151 -12.02 9.31 -5.35
C TYR A 151 -10.95 8.75 -6.31
N GLN A 152 -11.35 8.47 -7.54
CA GLN A 152 -10.45 7.85 -8.51
C GLN A 152 -9.44 8.80 -9.14
N THR A 153 -9.79 10.08 -9.27
CA THR A 153 -8.82 11.09 -9.71
C THR A 153 -7.70 11.16 -8.69
N ILE A 154 -8.03 11.15 -7.40
CA ILE A 154 -7.01 11.16 -6.35
C ILE A 154 -6.15 9.89 -6.39
N GLU A 155 -6.80 8.73 -6.56
CA GLU A 155 -6.13 7.41 -6.60
C GLU A 155 -5.02 7.30 -7.67
N THR A 156 -5.37 7.70 -8.89
CA THR A 156 -4.44 7.63 -10.00
C THR A 156 -3.43 8.80 -10.03
N SER A 157 -3.65 9.82 -9.21
CA SER A 157 -2.75 10.98 -9.16
C SER A 157 -1.67 10.92 -8.08
N MET A 158 -1.76 9.95 -7.17
CA MET A 158 -0.67 9.65 -6.24
C MET A 158 0.69 9.45 -6.95
N ILE A 159 1.75 9.90 -6.29
CA ILE A 159 3.08 10.01 -6.85
C ILE A 159 4.08 9.19 -6.03
N GLU A 160 4.06 9.39 -4.71
CA GLU A 160 5.10 8.85 -3.83
C GLU A 160 5.19 7.32 -3.79
N GLY A 161 4.03 6.66 -3.62
CA GLY A 161 4.06 5.24 -3.29
C GLY A 161 4.34 5.07 -1.80
N HIS A 162 4.76 3.87 -1.40
CA HIS A 162 5.12 3.62 0.00
C HIS A 162 6.22 4.61 0.45
N PRO A 163 5.94 5.38 1.51
CA PRO A 163 6.81 6.51 1.92
C PRO A 163 8.14 6.16 2.63
N SER A 164 8.32 4.90 3.00
CA SER A 164 9.55 4.46 3.67
C SER A 164 10.47 3.69 2.74
N PHE A 165 9.88 2.82 1.90
CA PHE A 165 10.66 2.06 0.91
C PHE A 165 11.24 2.97 -0.18
N VAL A 166 12.57 2.91 -0.33
CA VAL A 166 13.27 3.69 -1.35
C VAL A 166 12.94 3.13 -2.73
N ALA A 167 13.19 1.84 -2.90
CA ALA A 167 12.88 1.15 -4.14
C ALA A 167 11.42 0.64 -4.11
N ASN A 168 10.47 1.58 -4.10
CA ASN A 168 9.07 1.26 -3.81
C ASN A 168 8.18 1.04 -5.04
N ASN A 169 8.69 1.42 -6.21
CA ASN A 169 7.84 1.44 -7.41
C ASN A 169 8.43 0.66 -8.59
N GLY A 170 9.01 -0.51 -8.33
CA GLY A 170 9.73 -1.28 -9.34
C GLY A 170 8.94 -1.73 -10.57
N ARG A 171 7.73 -2.26 -10.37
CA ARG A 171 6.95 -2.83 -11.49
C ARG A 171 7.83 -3.62 -12.51
N LEU A 172 8.76 -4.41 -11.98
CA LEU A 172 9.64 -5.16 -12.87
C LEU A 172 8.84 -6.35 -13.43
N GLY A 173 8.90 -6.49 -14.75
CA GLY A 173 8.06 -7.42 -15.48
C GLY A 173 7.21 -6.74 -16.53
N PHE A 174 6.76 -5.53 -16.22
CA PHE A 174 6.10 -4.68 -17.21
C PHE A 174 7.21 -4.24 -18.16
N ASP A 175 7.07 -4.53 -19.43
CA ASP A 175 7.93 -3.86 -20.39
C ASP A 175 7.40 -2.43 -20.64
N ALA A 176 8.04 -1.69 -21.54
CA ALA A 176 7.75 -0.27 -21.74
C ALA A 176 6.30 0.01 -22.22
N GLU A 177 5.75 -0.87 -23.04
CA GLU A 177 4.35 -0.78 -23.47
C GLU A 177 3.38 -1.21 -22.35
N ASP A 178 3.65 -2.34 -21.70
CA ASP A 178 2.89 -2.77 -20.50
C ASP A 178 2.70 -1.62 -19.52
N TYR A 179 3.80 -0.90 -19.29
CA TYR A 179 3.85 0.24 -18.38
C TYR A 179 2.74 1.26 -18.67
N HIS A 180 2.64 1.66 -19.94
CA HIS A 180 1.62 2.60 -20.36
C HIS A 180 0.20 2.05 -20.36
N GLY A 181 0.05 0.74 -20.44
CA GLY A 181 -1.30 0.17 -20.37
C GLY A 181 -1.75 -0.11 -18.95
N TYR A 182 -0.82 -0.42 -18.08
CA TYR A 182 -1.16 -1.07 -16.81
C TYR A 182 -0.69 -0.36 -15.54
N ALA A 183 0.31 0.53 -15.62
CA ALA A 183 0.70 1.33 -14.45
C ALA A 183 -0.48 2.17 -13.95
N PRO A 184 -0.69 2.18 -12.61
CA PRO A 184 -1.80 2.94 -12.00
C PRO A 184 -1.76 4.41 -12.44
N GLU A 185 -0.54 4.95 -12.55
CA GLU A 185 -0.32 6.37 -12.85
C GLU A 185 -0.60 6.73 -14.32
N ALA A 186 -0.57 5.75 -15.23
CA ALA A 186 -0.96 5.99 -16.62
C ALA A 186 -2.49 6.18 -16.76
N ALA A 187 -3.24 5.79 -15.72
CA ALA A 187 -4.71 5.88 -15.73
C ALA A 187 -5.37 5.50 -17.08
N THR A 188 -4.93 4.37 -17.64
CA THR A 188 -5.49 3.82 -18.87
C THR A 188 -6.51 2.78 -18.47
N PRO A 189 -7.76 2.92 -18.92
CA PRO A 189 -8.80 1.91 -18.62
C PRO A 189 -8.36 0.53 -19.04
N VAL A 190 -8.67 -0.47 -18.22
CA VAL A 190 -8.24 -1.84 -18.45
C VAL A 190 -9.50 -2.69 -18.48
N ARG A 191 -9.55 -3.63 -19.39
CA ARG A 191 -10.61 -4.62 -19.34
C ARG A 191 -9.94 -5.87 -18.81
N LEU A 192 -10.63 -6.60 -17.95
CA LEU A 192 -10.15 -7.88 -17.48
C LEU A 192 -10.23 -8.96 -18.55
N MET A 193 -9.36 -9.94 -18.41
CA MET A 193 -9.38 -11.13 -19.24
C MET A 193 -10.26 -12.17 -18.56
N TRP A 194 -11.22 -12.71 -19.29
CA TRP A 194 -12.03 -13.78 -18.71
C TRP A 194 -11.59 -15.17 -19.18
N LEU A 195 -11.43 -16.07 -18.21
CA LEU A 195 -10.97 -17.42 -18.44
C LEU A 195 -11.95 -18.45 -17.86
N ALA A 196 -12.21 -19.51 -18.60
CA ALA A 196 -12.94 -20.64 -18.03
C ALA A 196 -11.92 -21.53 -17.34
N VAL A 197 -12.13 -21.77 -16.06
CA VAL A 197 -11.22 -22.56 -15.26
C VAL A 197 -11.90 -23.85 -14.79
N HIS A 198 -11.28 -24.98 -15.12
CA HIS A 198 -11.81 -26.30 -14.79
C HIS A 198 -11.86 -26.58 -13.29
N LYS A 199 -13.00 -27.11 -12.82
CA LYS A 199 -13.20 -27.42 -11.41
C LYS A 199 -12.27 -28.52 -10.85
N ASP A 200 -11.54 -29.20 -11.73
CA ASP A 200 -10.44 -30.08 -11.32
C ASP A 200 -9.36 -29.28 -10.66
N ASN A 201 -9.27 -28.00 -11.04
CA ASN A 201 -8.17 -27.13 -10.64
C ASN A 201 -8.65 -25.94 -9.85
N ALA A 202 -9.90 -25.50 -10.08
CA ALA A 202 -10.38 -24.23 -9.59
C ALA A 202 -11.36 -24.39 -8.45
N HIS A 203 -11.30 -23.48 -7.49
CA HIS A 203 -12.26 -23.50 -6.38
C HIS A 203 -12.66 -22.10 -5.94
N PHE A 204 -13.90 -22.02 -5.49
CA PHE A 204 -14.57 -20.78 -5.24
C PHE A 204 -15.07 -20.81 -3.81
N SER A 205 -14.99 -19.64 -3.16
CA SER A 205 -15.46 -19.40 -1.80
C SER A 205 -16.14 -18.05 -1.82
N CYS A 206 -17.11 -17.88 -0.93
CA CYS A 206 -17.81 -16.61 -0.84
C CYS A 206 -18.51 -16.49 0.52
N LEU A 207 -19.07 -15.31 0.80
CA LEU A 207 -19.84 -15.08 2.05
C LEU A 207 -21.00 -16.07 2.13
N SER A 208 -21.35 -16.48 3.35
CA SER A 208 -22.45 -17.42 3.58
C SER A 208 -23.80 -16.98 2.98
N ASP A 209 -24.01 -15.68 2.84
CA ASP A 209 -25.29 -15.19 2.29
C ASP A 209 -25.26 -15.05 0.78
N MET A 210 -24.20 -15.53 0.15
CA MET A 210 -24.12 -15.44 -1.31
C MET A 210 -23.66 -16.74 -1.96
N ASP A 211 -23.70 -16.76 -3.29
CA ASP A 211 -23.26 -17.92 -4.02
C ASP A 211 -22.60 -17.51 -5.33
N TYR A 212 -21.97 -18.47 -5.99
CA TYR A 212 -21.26 -18.21 -7.23
C TYR A 212 -22.19 -17.57 -8.26
N ASP A 213 -23.37 -18.15 -8.41
CA ASP A 213 -24.32 -17.74 -9.44
C ASP A 213 -24.84 -16.31 -9.23
N SER A 214 -25.14 -15.93 -7.98
CA SER A 214 -25.54 -14.54 -7.66
C SER A 214 -24.40 -13.55 -7.84
N LEU A 215 -23.17 -13.94 -7.48
CA LEU A 215 -22.00 -13.09 -7.71
C LEU A 215 -21.86 -12.76 -9.19
N MET A 216 -21.92 -13.81 -10.02
CA MET A 216 -21.77 -13.67 -11.47
C MET A 216 -22.91 -12.90 -12.12
N SER A 217 -24.14 -13.21 -11.70
CA SER A 217 -25.31 -12.43 -12.10
C SER A 217 -25.04 -10.93 -11.88
N GLU A 218 -24.55 -10.58 -10.70
CA GLU A 218 -24.24 -9.18 -10.38
C GLU A 218 -23.03 -8.63 -11.16
N GLU A 219 -21.97 -9.41 -11.27
CA GLU A 219 -20.73 -8.89 -11.83
C GLU A 219 -20.70 -8.87 -13.35
N LEU A 220 -21.20 -9.94 -13.98
CA LEU A 220 -21.20 -10.05 -15.44
C LEU A 220 -22.58 -9.80 -16.04
N GLY A 221 -23.62 -10.31 -15.39
CA GLY A 221 -24.98 -10.24 -15.93
C GLY A 221 -25.32 -11.55 -16.64
N GLU A 222 -26.60 -11.72 -16.97
CA GLU A 222 -27.08 -12.98 -17.55
C GLU A 222 -26.63 -13.20 -18.98
N SER A 223 -26.62 -12.15 -19.77
CA SER A 223 -26.16 -12.23 -21.15
C SER A 223 -24.71 -12.72 -21.25
N ALA A 224 -23.80 -12.04 -20.55
CA ALA A 224 -22.38 -12.35 -20.56
C ALA A 224 -22.06 -13.79 -20.09
N VAL A 225 -22.73 -14.21 -19.01
CA VAL A 225 -22.58 -15.53 -18.43
C VAL A 225 -23.14 -16.63 -19.34
N THR A 226 -24.29 -16.32 -19.96
CA THR A 226 -24.93 -17.20 -20.93
C THR A 226 -24.00 -17.30 -22.12
N ASP A 227 -23.51 -16.15 -22.59
CA ASP A 227 -22.61 -16.11 -23.72
C ASP A 227 -21.32 -16.90 -23.47
N PHE A 228 -20.84 -16.88 -22.22
CA PHE A 228 -19.65 -17.64 -21.89
C PHE A 228 -19.89 -19.15 -21.96
N ALA A 229 -20.98 -19.60 -21.34
CA ALA A 229 -21.33 -21.03 -21.35
C ALA A 229 -21.49 -21.54 -22.77
N ALA A 230 -22.16 -20.74 -23.58
CA ALA A 230 -22.38 -21.05 -25.00
C ALA A 230 -21.05 -21.20 -25.72
N ARG A 231 -20.15 -20.24 -25.51
CA ARG A 231 -18.81 -20.25 -26.10
C ARG A 231 -18.10 -21.56 -25.81
N LEU A 232 -18.16 -22.00 -24.56
CA LEU A 232 -17.53 -23.23 -24.13
C LEU A 232 -18.18 -24.43 -24.79
N ARG A 233 -19.51 -24.47 -24.71
CA ARG A 233 -20.28 -25.55 -25.27
C ARG A 233 -20.01 -25.63 -26.77
N GLU A 234 -20.02 -24.48 -27.43
CA GLU A 234 -19.73 -24.40 -28.86
C GLU A 234 -18.36 -24.96 -29.27
N GLN A 235 -17.35 -24.86 -28.40
CA GLN A 235 -16.07 -25.52 -28.72
C GLN A 235 -15.97 -26.96 -28.20
N GLY A 236 -17.12 -27.57 -27.94
CA GLY A 236 -17.21 -28.96 -27.49
C GLY A 236 -16.96 -29.23 -26.00
N LEU A 237 -16.96 -28.18 -25.18
CA LEU A 237 -16.63 -28.34 -23.76
C LEU A 237 -17.88 -28.31 -22.91
N HIS A 238 -17.76 -28.69 -21.64
CA HIS A 238 -18.93 -28.73 -20.77
C HIS A 238 -18.83 -27.69 -19.65
N PRO A 239 -19.58 -26.59 -19.79
CA PRO A 239 -19.64 -25.50 -18.84
C PRO A 239 -19.84 -25.97 -17.40
N ALA A 240 -20.44 -27.17 -17.22
CA ALA A 240 -20.66 -27.76 -15.90
C ALA A 240 -19.35 -28.03 -15.19
N ASP A 241 -18.32 -28.27 -15.99
CA ASP A 241 -16.96 -28.51 -15.50
C ASP A 241 -16.15 -27.25 -15.15
N TYR A 242 -16.68 -26.06 -15.41
CA TYR A 242 -15.89 -24.81 -15.29
C TYR A 242 -16.56 -23.71 -14.49
N TYR A 243 -15.72 -22.88 -13.87
CA TYR A 243 -16.08 -21.55 -13.38
C TYR A 243 -15.55 -20.52 -14.39
N PHE A 244 -16.03 -19.29 -14.29
CA PHE A 244 -15.43 -18.21 -15.05
C PHE A 244 -14.65 -17.36 -14.09
N MET A 245 -13.43 -17.01 -14.49
CA MET A 245 -12.49 -16.37 -13.60
C MET A 245 -11.82 -15.19 -14.28
N PRO A 246 -11.75 -14.03 -13.57
CA PRO A 246 -11.02 -12.94 -14.20
C PRO A 246 -9.50 -13.00 -13.94
N ALA A 247 -8.74 -12.43 -14.87
CA ALA A 247 -7.31 -12.34 -14.75
C ALA A 247 -6.85 -10.97 -15.28
N HIS A 248 -5.74 -10.49 -14.75
CA HIS A 248 -5.07 -9.34 -15.31
C HIS A 248 -4.57 -9.70 -16.72
N PRO A 249 -4.90 -8.89 -17.75
CA PRO A 249 -4.40 -9.24 -19.10
C PRO A 249 -2.91 -9.53 -19.20
N TRP A 250 -2.07 -8.78 -18.48
CA TRP A 250 -0.62 -9.04 -18.43
C TRP A 250 -0.33 -10.44 -17.90
N GLN A 251 -1.01 -10.83 -16.83
CA GLN A 251 -0.86 -12.18 -16.29
C GLN A 251 -1.13 -13.27 -17.31
N TRP A 252 -2.20 -13.11 -18.10
CA TRP A 252 -2.53 -14.04 -19.18
C TRP A 252 -1.43 -14.14 -20.27
N PHE A 253 -0.96 -13.00 -20.78
CA PHE A 253 0.03 -12.98 -21.86
C PHE A 253 1.43 -13.37 -21.41
N ASN A 254 1.73 -13.11 -20.14
CA ASN A 254 3.06 -13.30 -19.65
C ASN A 254 3.25 -14.56 -18.81
N LYS A 255 2.19 -15.05 -18.17
CA LYS A 255 2.35 -16.15 -17.20
C LYS A 255 1.46 -17.36 -17.48
N LEU A 256 0.15 -17.13 -17.57
CA LEU A 256 -0.82 -18.20 -17.73
C LEU A 256 -0.79 -18.89 -19.10
N SER A 257 -0.70 -18.11 -20.18
CA SER A 257 -0.65 -18.74 -21.52
C SER A 257 0.65 -19.54 -21.71
N LEU A 258 1.63 -19.31 -20.84
CA LEU A 258 2.96 -19.83 -21.06
C LEU A 258 3.35 -20.86 -20.04
N ALA A 259 3.60 -20.42 -18.80
CA ALA A 259 3.99 -21.32 -17.70
C ALA A 259 2.88 -22.36 -17.40
N PHE A 260 1.63 -21.97 -17.67
CA PHE A 260 0.47 -22.85 -17.45
C PHE A 260 0.04 -23.50 -18.76
N ALA A 261 0.96 -23.58 -19.73
CA ALA A 261 0.66 -24.19 -21.03
C ALA A 261 0.01 -25.58 -20.96
N PRO A 262 0.47 -26.49 -20.08
CA PRO A 262 -0.17 -27.80 -20.02
C PRO A 262 -1.66 -27.74 -19.72
N TYR A 263 -2.07 -26.78 -18.89
CA TYR A 263 -3.47 -26.63 -18.51
C TYR A 263 -4.29 -26.00 -19.64
N VAL A 264 -3.70 -25.03 -20.34
CA VAL A 264 -4.30 -24.46 -21.54
C VAL A 264 -4.48 -25.55 -22.61
N ALA A 265 -3.39 -26.26 -22.90
CA ALA A 265 -3.39 -27.38 -23.84
C ALA A 265 -4.44 -28.45 -23.50
N GLN A 266 -4.61 -28.75 -22.22
CA GLN A 266 -5.56 -29.79 -21.77
C GLN A 266 -6.95 -29.21 -21.54
N ARG A 267 -7.12 -27.93 -21.86
CA ARG A 267 -8.41 -27.23 -21.74
C ARG A 267 -8.87 -27.11 -20.29
N LYS A 268 -7.93 -27.14 -19.37
CA LYS A 268 -8.21 -26.86 -17.96
C LYS A 268 -8.32 -25.36 -17.77
N ILE A 269 -7.75 -24.62 -18.73
CA ILE A 269 -7.91 -23.17 -18.81
C ILE A 269 -8.33 -22.84 -20.22
N VAL A 270 -9.39 -22.06 -20.37
CA VAL A 270 -9.84 -21.64 -21.69
C VAL A 270 -9.94 -20.11 -21.70
N CYS A 271 -9.21 -19.46 -22.60
CA CYS A 271 -9.33 -18.01 -22.73
C CYS A 271 -10.65 -17.62 -23.40
N LEU A 272 -11.50 -16.89 -22.68
CA LEU A 272 -12.80 -16.44 -23.20
C LEU A 272 -12.75 -15.05 -23.79
N GLY A 273 -11.69 -14.31 -23.50
CA GLY A 273 -11.52 -12.98 -24.05
C GLY A 273 -11.77 -11.88 -23.05
N TYR A 274 -11.71 -10.65 -23.53
CA TYR A 274 -11.89 -9.48 -22.70
C TYR A 274 -13.33 -9.26 -22.28
N GLY A 275 -13.53 -8.84 -21.03
CA GLY A 275 -14.83 -8.37 -20.53
C GLY A 275 -15.24 -7.08 -21.24
N GLU A 276 -16.51 -6.72 -21.14
CA GLU A 276 -16.97 -5.49 -21.75
C GLU A 276 -16.67 -4.26 -20.89
N GLU A 277 -16.69 -4.43 -19.57
CA GLU A 277 -16.55 -3.31 -18.66
C GLU A 277 -15.09 -2.91 -18.43
N GLN A 278 -14.90 -1.61 -18.23
CA GLN A 278 -13.59 -1.01 -18.11
C GLN A 278 -13.27 -0.70 -16.65
N TYR A 279 -12.00 -0.81 -16.33
CA TYR A 279 -11.54 -0.69 -14.97
C TYR A 279 -10.33 0.24 -14.92
N LEU A 280 -10.05 0.78 -13.74
CA LEU A 280 -8.78 1.46 -13.51
C LEU A 280 -8.01 0.74 -12.43
N ALA A 281 -6.75 0.49 -12.74
CA ALA A 281 -5.78 -0.02 -11.77
C ALA A 281 -5.67 0.91 -10.57
N GLN A 282 -5.79 0.32 -9.39
CA GLN A 282 -5.63 1.07 -8.17
C GLN A 282 -4.13 1.19 -7.88
N GLN A 283 -3.78 1.85 -6.80
CA GLN A 283 -2.35 1.97 -6.44
C GLN A 283 -1.66 0.63 -6.18
N SER A 284 -2.43 -0.39 -5.80
CA SER A 284 -1.89 -1.75 -5.64
C SER A 284 -1.56 -2.45 -6.97
N ILE A 285 -1.95 -1.83 -8.09
CA ILE A 285 -1.63 -2.31 -9.44
C ILE A 285 -2.50 -3.49 -9.88
N ARG A 286 -2.71 -4.47 -8.98
CA ARG A 286 -3.44 -5.72 -9.28
C ARG A 286 -4.92 -5.66 -8.90
N THR A 287 -5.32 -4.56 -8.27
CA THR A 287 -6.72 -4.36 -7.88
C THR A 287 -7.34 -3.32 -8.81
N PHE A 288 -8.57 -3.58 -9.25
CA PHE A 288 -9.21 -2.80 -10.29
C PHE A 288 -10.57 -2.29 -9.82
N PHE A 289 -10.85 -1.03 -10.12
CA PHE A 289 -12.12 -0.37 -9.80
C PHE A 289 -12.90 -0.19 -11.09
N ASN A 290 -14.17 -0.62 -11.07
CA ASN A 290 -15.01 -0.61 -12.27
C ASN A 290 -15.47 0.82 -12.56
N ILE A 291 -15.04 1.36 -13.70
CA ILE A 291 -15.44 2.73 -14.06
C ILE A 291 -16.60 2.77 -15.04
N SER A 292 -16.95 1.61 -15.58
CA SER A 292 -18.07 1.50 -16.49
C SER A 292 -19.40 1.57 -15.78
N ARG A 293 -19.54 0.82 -14.69
CA ARG A 293 -20.84 0.71 -14.04
C ARG A 293 -20.81 0.91 -12.52
N PRO A 294 -21.90 1.54 -11.98
CA PRO A 294 -22.00 2.01 -10.60
C PRO A 294 -22.11 0.89 -9.61
N GLY A 295 -21.34 1.04 -8.52
CA GLY A 295 -21.44 0.16 -7.35
C GLY A 295 -21.01 -1.27 -7.56
N LYS A 296 -20.20 -1.55 -8.58
CA LYS A 296 -19.68 -2.90 -8.76
C LYS A 296 -18.45 -3.10 -7.87
N ARG A 297 -18.17 -4.34 -7.57
CA ARG A 297 -17.05 -4.68 -6.70
C ARG A 297 -15.72 -4.36 -7.39
N TYR A 298 -14.68 -4.09 -6.59
CA TYR A 298 -13.31 -4.17 -7.09
C TYR A 298 -13.02 -5.62 -7.49
N VAL A 299 -12.05 -5.81 -8.37
CA VAL A 299 -11.52 -7.13 -8.69
C VAL A 299 -10.02 -7.08 -8.43
N LYS A 300 -9.55 -7.96 -7.54
CA LYS A 300 -8.12 -8.13 -7.26
C LYS A 300 -7.66 -9.42 -7.95
N THR A 301 -6.64 -9.30 -8.81
CA THR A 301 -6.12 -10.42 -9.57
C THR A 301 -4.69 -10.72 -9.14
N SER A 302 -4.21 -11.93 -9.41
CA SER A 302 -2.79 -12.28 -9.29
C SER A 302 -1.98 -11.60 -10.41
N LEU A 303 -0.80 -11.10 -10.06
CA LEU A 303 0.05 -10.36 -11.02
C LEU A 303 1.50 -10.59 -10.66
N SER A 304 2.22 -11.34 -11.51
CA SER A 304 3.58 -11.75 -11.19
C SER A 304 4.64 -10.76 -11.64
N ILE A 305 4.61 -9.58 -11.06
CA ILE A 305 5.68 -8.62 -11.22
C ILE A 305 6.44 -8.49 -9.88
N LEU A 306 7.67 -7.99 -9.92
CA LEU A 306 8.40 -7.66 -8.70
C LEU A 306 8.15 -6.21 -8.30
N ASN A 307 7.69 -6.03 -7.07
CA ASN A 307 7.44 -4.72 -6.49
C ASN A 307 7.53 -4.82 -4.97
N MET A 308 8.74 -4.56 -4.44
CA MET A 308 9.06 -4.73 -3.01
C MET A 308 9.14 -6.18 -2.50
N GLY A 309 8.32 -7.07 -3.07
CA GLY A 309 8.23 -8.46 -2.60
C GLY A 309 8.33 -9.47 -3.74
N GLY A 313 2.20 -11.88 -6.17
CA GLY A 313 0.99 -12.53 -6.69
C GLY A 313 -0.11 -12.66 -5.65
N LEU A 314 -0.94 -13.70 -5.79
CA LEU A 314 -2.09 -13.91 -4.90
C LEU A 314 -2.48 -15.39 -4.79
N SER A 315 -2.52 -15.90 -3.57
CA SER A 315 -2.60 -17.35 -3.37
C SER A 315 -4.00 -17.92 -3.18
N PRO A 316 -4.29 -19.10 -3.81
CA PRO A 316 -5.57 -19.81 -3.65
C PRO A 316 -5.77 -20.52 -2.31
N TYR A 317 -4.71 -20.87 -1.60
CA TYR A 317 -4.85 -21.51 -0.28
C TYR A 317 -5.36 -20.54 0.81
N TYR A 318 -5.16 -19.23 0.60
CA TYR A 318 -5.87 -18.18 1.35
C TYR A 318 -7.17 -17.82 0.65
N MET A 319 -7.28 -18.14 -0.63
CA MET A 319 -8.53 -17.88 -1.36
C MET A 319 -9.63 -18.87 -0.97
N ALA A 320 -9.26 -19.95 -0.27
CA ALA A 320 -10.28 -20.83 0.31
C ALA A 320 -10.92 -20.17 1.54
N GLY A 321 -10.10 -19.67 2.47
CA GLY A 321 -10.60 -19.08 3.71
C GLY A 321 -10.89 -17.57 3.73
N THR A 322 -10.66 -16.88 2.61
CA THR A 322 -10.71 -15.42 2.57
C THR A 322 -12.06 -14.81 2.99
N PRO A 323 -13.17 -15.18 2.31
CA PRO A 323 -14.48 -14.64 2.68
C PRO A 323 -14.87 -14.97 4.12
N ALA A 324 -14.51 -16.16 4.60
CA ALA A 324 -14.78 -16.58 5.98
C ALA A 324 -14.05 -15.73 7.03
N ILE A 325 -12.76 -15.49 6.82
CA ILE A 325 -12.05 -14.51 7.61
C ILE A 325 -12.75 -13.13 7.56
N ASN A 326 -13.21 -12.73 6.38
CA ASN A 326 -13.82 -11.42 6.20
C ASN A 326 -15.22 -11.32 6.85
N GLU A 327 -16.01 -12.39 6.71
CA GLU A 327 -17.33 -12.48 7.37
C GLU A 327 -17.19 -12.45 8.89
N TYR A 328 -16.19 -13.14 9.43
CA TYR A 328 -15.96 -13.09 10.84
C TYR A 328 -15.64 -11.67 11.34
N ILE A 329 -14.71 -11.00 10.66
CA ILE A 329 -14.25 -9.67 11.10
C ILE A 329 -15.38 -8.66 10.97
N HIS A 330 -16.13 -8.78 9.89
CA HIS A 330 -17.22 -7.86 9.67
C HIS A 330 -18.33 -7.98 10.74
N ASP A 331 -18.66 -9.22 11.12
CA ASP A 331 -19.72 -9.44 12.10
C ASP A 331 -19.26 -8.95 13.47
N LEU A 332 -17.98 -9.17 13.76
CA LEU A 332 -17.33 -8.71 14.98
C LEU A 332 -17.44 -7.20 15.13
N ILE A 333 -17.02 -6.47 14.09
CA ILE A 333 -17.07 -5.01 14.08
C ILE A 333 -18.51 -4.50 14.17
N SER A 334 -19.42 -5.16 13.47
CA SER A 334 -20.83 -4.79 13.44
C SER A 334 -21.52 -5.00 14.80
N ALA A 335 -21.02 -5.95 15.59
CA ALA A 335 -21.68 -6.28 16.86
C ALA A 335 -21.15 -5.44 18.02
N ASP A 336 -20.11 -4.66 17.72
CA ASP A 336 -19.42 -3.87 18.72
C ASP A 336 -19.99 -2.46 18.71
N PRO A 337 -20.59 -2.04 19.84
CA PRO A 337 -21.33 -0.77 19.86
C PRO A 337 -20.40 0.43 19.72
N TRP A 338 -19.20 0.35 20.28
CA TRP A 338 -18.22 1.41 20.10
C TRP A 338 -17.79 1.61 18.63
N LEU A 339 -17.49 0.50 17.96
CA LEU A 339 -17.11 0.55 16.54
C LEU A 339 -18.28 1.02 15.68
N ARG A 340 -19.47 0.52 16.01
CA ARG A 340 -20.70 1.05 15.40
C ARG A 340 -20.80 2.56 15.51
N ALA A 341 -20.50 3.09 16.70
CA ALA A 341 -20.66 4.52 16.96
C ALA A 341 -19.57 5.34 16.22
N ASN A 342 -18.37 4.78 16.11
CA ASN A 342 -17.25 5.43 15.45
C ASN A 342 -17.41 5.42 13.91
N GLY A 343 -17.92 4.32 13.37
CA GLY A 343 -18.16 4.17 11.94
C GLY A 343 -17.08 3.46 11.15
N PHE A 344 -15.97 3.10 11.82
CA PHE A 344 -14.89 2.32 11.23
C PHE A 344 -15.45 1.01 10.70
N ARG A 345 -14.99 0.61 9.53
CA ARG A 345 -15.58 -0.51 8.82
C ARG A 345 -14.53 -1.11 7.89
N ILE A 346 -14.54 -2.43 7.74
CA ILE A 346 -13.73 -3.07 6.72
C ILE A 346 -14.50 -3.11 5.40
N LEU A 347 -13.76 -3.18 4.30
CA LEU A 347 -14.32 -3.52 3.01
C LEU A 347 -14.13 -5.02 2.80
N ARG A 348 -15.23 -5.76 2.81
CA ARG A 348 -15.14 -7.22 2.74
C ARG A 348 -14.63 -7.73 1.42
N GLU A 349 -13.70 -8.67 1.48
CA GLU A 349 -13.38 -9.53 0.35
C GLU A 349 -14.47 -10.62 0.40
N VAL A 350 -15.46 -10.47 -0.47
CA VAL A 350 -16.72 -11.23 -0.37
C VAL A 350 -16.70 -12.60 -1.06
N ALA A 351 -15.79 -12.77 -2.02
CA ALA A 351 -15.70 -13.97 -2.82
C ALA A 351 -14.30 -14.07 -3.36
N SER A 352 -13.76 -15.27 -3.40
CA SER A 352 -12.43 -15.48 -3.95
C SER A 352 -12.43 -16.77 -4.77
N MET A 353 -11.46 -16.87 -5.66
CA MET A 353 -11.33 -18.02 -6.53
C MET A 353 -9.85 -18.28 -6.71
N GLY A 354 -9.46 -19.55 -6.62
CA GLY A 354 -8.08 -19.97 -6.90
C GLY A 354 -7.99 -21.09 -7.94
N PHE A 355 -7.08 -20.93 -8.89
CA PHE A 355 -6.69 -22.01 -9.77
C PHE A 355 -5.42 -22.62 -9.19
N ARG A 356 -5.44 -23.92 -8.98
CA ARG A 356 -4.33 -24.59 -8.34
C ARG A 356 -3.46 -25.27 -9.37
N ASN A 357 -2.17 -24.99 -9.32
CA ASN A 357 -1.22 -25.58 -10.26
C ASN A 357 -0.56 -26.75 -9.58
N TYR A 358 -1.05 -27.95 -9.85
CA TYR A 358 -0.57 -29.16 -9.16
C TYR A 358 0.85 -29.54 -9.54
N TYR A 359 1.37 -28.99 -10.66
CA TYR A 359 2.77 -29.19 -10.99
C TYR A 359 3.68 -28.47 -9.99
N TYR A 360 3.45 -27.18 -9.75
CA TYR A 360 4.26 -26.45 -8.78
C TYR A 360 4.05 -27.00 -7.37
N GLU A 361 2.82 -27.37 -7.07
CA GLU A 361 2.46 -27.87 -5.73
C GLU A 361 3.14 -29.21 -5.42
N ALA A 362 3.29 -30.06 -6.43
CA ALA A 362 3.99 -31.33 -6.26
C ALA A 362 5.53 -31.17 -6.19
N ALA A 363 6.06 -30.21 -6.94
CA ALA A 363 7.48 -29.92 -6.97
C ALA A 363 8.00 -29.20 -5.72
N ILE A 364 7.18 -28.36 -5.11
CA ILE A 364 7.61 -27.52 -3.98
C ILE A 364 6.62 -27.63 -2.81
N ASP A 365 7.08 -28.16 -1.69
CA ASP A 365 6.21 -28.33 -0.53
C ASP A 365 6.01 -27.05 0.31
N THR A 366 6.89 -26.08 0.13
CA THR A 366 6.88 -24.85 0.94
C THR A 366 6.16 -23.67 0.27
N ASP A 367 6.04 -22.58 1.02
CA ASP A 367 5.44 -21.37 0.49
C ASP A 367 6.30 -20.85 -0.66
N THR A 368 5.64 -20.51 -1.77
CA THR A 368 6.34 -19.98 -2.94
C THR A 368 5.41 -19.06 -3.76
N PRO A 369 5.98 -18.04 -4.43
CA PRO A 369 5.17 -17.26 -5.38
C PRO A 369 4.59 -18.10 -6.55
N TYR A 370 5.17 -19.27 -6.77
CA TYR A 370 4.76 -20.17 -7.85
C TYR A 370 3.39 -20.78 -7.65
N LYS A 371 2.95 -20.87 -6.40
CA LYS A 371 1.62 -21.38 -6.09
C LYS A 371 0.56 -20.29 -6.14
N LYS A 372 0.98 -19.04 -6.36
CA LYS A 372 0.10 -17.86 -6.21
C LYS A 372 -0.14 -17.11 -7.52
N MET A 373 -0.02 -17.81 -8.64
CA MET A 373 -0.03 -17.14 -9.93
C MET A 373 -1.40 -16.95 -10.58
N PHE A 374 -2.40 -17.65 -10.08
CA PHE A 374 -3.72 -17.59 -10.70
C PHE A 374 -4.81 -17.59 -9.63
N SER A 375 -5.14 -16.41 -9.15
CA SER A 375 -6.24 -16.22 -8.21
C SER A 375 -6.95 -14.88 -8.42
N ALA A 376 -8.17 -14.79 -7.90
CA ALA A 376 -8.96 -13.57 -7.97
C ALA A 376 -9.80 -13.42 -6.70
N LEU A 377 -10.09 -12.19 -6.30
CA LEU A 377 -11.15 -11.95 -5.33
C LEU A 377 -11.98 -10.71 -5.71
N TRP A 378 -13.20 -10.64 -5.19
CA TRP A 378 -14.05 -9.47 -5.32
C TRP A 378 -14.16 -8.77 -3.98
N ARG A 379 -14.01 -7.45 -3.99
CA ARG A 379 -14.06 -6.63 -2.80
C ARG A 379 -15.20 -5.63 -2.87
N GLU A 380 -15.86 -5.43 -1.74
CA GLU A 380 -16.88 -4.40 -1.52
C GLU A 380 -16.46 -3.01 -1.97
N ASN A 381 -17.35 -2.31 -2.67
CA ASN A 381 -17.10 -0.96 -3.20
C ASN A 381 -17.59 0.08 -2.17
N PRO A 382 -16.68 0.95 -1.68
CA PRO A 382 -17.05 1.87 -0.60
C PRO A 382 -17.95 3.03 -1.02
N LEU A 383 -17.97 3.37 -2.31
CA LEU A 383 -18.88 4.40 -2.83
C LEU A 383 -20.34 4.07 -2.48
N THR A 384 -20.63 2.78 -2.41
CA THR A 384 -21.97 2.27 -2.11
C THR A 384 -22.32 2.46 -0.64
N LEU A 385 -21.32 2.87 0.16
CA LEU A 385 -21.44 2.82 1.62
C LEU A 385 -21.28 4.18 2.27
N ILE A 386 -21.36 5.23 1.47
CA ILE A 386 -21.24 6.59 1.95
C ILE A 386 -22.45 7.37 1.43
N ALA A 387 -22.55 8.63 1.85
CA ALA A 387 -23.72 9.44 1.60
C ALA A 387 -23.42 10.48 0.53
N PRO A 388 -24.47 11.05 -0.10
CA PRO A 388 -24.32 12.26 -0.92
C PRO A 388 -23.65 13.37 -0.10
N GLY A 389 -22.73 14.11 -0.70
CA GLY A 389 -21.95 15.11 0.05
C GLY A 389 -20.73 14.55 0.80
N GLN A 390 -20.51 13.25 0.68
CA GLN A 390 -19.25 12.66 1.17
C GLN A 390 -18.43 12.29 -0.03
N ASN A 391 -17.12 12.24 0.16
CA ASN A 391 -16.22 11.73 -0.88
C ASN A 391 -15.18 10.82 -0.23
N LEU A 392 -14.38 10.16 -1.03
CA LEU A 392 -13.43 9.19 -0.51
C LEU A 392 -12.05 9.59 -0.96
N MET A 393 -11.04 9.32 -0.14
CA MET A 393 -9.66 9.39 -0.59
C MET A 393 -8.74 8.45 0.16
N THR A 394 -7.85 7.80 -0.60
CA THR A 394 -6.78 7.01 -0.02
C THR A 394 -6.05 7.83 1.04
N MET A 395 -5.71 7.20 2.16
CA MET A 395 -5.00 7.92 3.18
C MET A 395 -3.62 8.34 2.71
N ALA A 396 -3.11 7.69 1.67
CA ALA A 396 -1.83 8.11 1.08
C ALA A 396 -1.86 9.59 0.61
N ALA A 397 -3.04 10.10 0.27
CA ALA A 397 -3.22 11.50 -0.20
C ALA A 397 -2.77 12.57 0.80
N LEU A 398 -2.84 12.25 2.09
CA LEU A 398 -2.38 13.18 3.13
C LEU A 398 -0.89 13.48 3.03
N LEU A 399 -0.14 12.54 2.46
CA LEU A 399 1.31 12.70 2.29
C LEU A 399 1.68 13.29 0.92
N HIS A 400 0.67 13.51 0.09
CA HIS A 400 0.92 13.86 -1.30
C HIS A 400 1.53 15.24 -1.44
N VAL A 401 2.56 15.31 -2.29
CA VAL A 401 3.18 16.53 -2.72
C VAL A 401 3.15 16.55 -4.25
N ASP A 402 2.59 17.60 -4.84
CA ASP A 402 2.50 17.68 -6.30
C ASP A 402 3.86 18.03 -6.92
N PRO A 403 3.98 17.91 -8.25
CA PRO A 403 5.24 18.17 -8.94
C PRO A 403 5.79 19.61 -8.77
N GLN A 404 4.92 20.55 -8.38
CA GLN A 404 5.36 21.92 -8.08
C GLN A 404 5.88 22.04 -6.67
N GLY A 405 5.76 20.97 -5.88
CA GLY A 405 6.26 20.96 -4.50
C GLY A 405 5.21 21.38 -3.48
N ARG A 406 3.96 21.51 -3.92
CA ARG A 406 2.88 21.87 -3.01
C ARG A 406 2.17 20.66 -2.39
N ALA A 407 1.99 20.71 -1.07
CA ALA A 407 1.36 19.61 -0.35
C ALA A 407 -0.15 19.67 -0.41
N LEU A 408 -0.77 18.50 -0.55
CA LEU A 408 -2.22 18.38 -0.55
C LEU A 408 -2.84 18.69 0.82
N LEU A 409 -2.22 18.20 1.89
CA LEU A 409 -2.81 18.27 3.23
C LEU A 409 -3.29 19.67 3.65
N PRO A 410 -2.41 20.70 3.61
CA PRO A 410 -2.89 22.06 3.90
C PRO A 410 -4.12 22.48 3.07
N GLU A 411 -4.13 22.14 1.78
CA GLU A 411 -5.25 22.49 0.93
C GLU A 411 -6.54 21.80 1.38
N LEU A 412 -6.42 20.56 1.83
CA LEU A 412 -7.56 19.83 2.38
C LEU A 412 -8.08 20.47 3.67
N ILE A 413 -7.17 20.79 4.56
CA ILE A 413 -7.52 21.48 5.80
C ILE A 413 -8.13 22.88 5.52
N GLN A 414 -7.56 23.65 4.59
CA GLN A 414 -8.16 24.94 4.19
C GLN A 414 -9.63 24.75 3.77
N ALA A 415 -9.89 23.72 2.95
CA ALA A 415 -11.23 23.43 2.45
C ALA A 415 -12.22 23.05 3.54
N SER A 416 -11.71 22.43 4.61
CA SER A 416 -12.58 21.96 5.69
C SER A 416 -13.11 23.09 6.57
N GLY A 417 -12.37 24.20 6.60
CA GLY A 417 -12.72 25.35 7.42
C GLY A 417 -12.29 25.24 8.86
N LEU A 418 -11.72 24.09 9.23
CA LEU A 418 -11.25 23.81 10.58
C LEU A 418 -9.80 24.21 10.78
N ASP A 419 -9.42 24.54 12.01
CA ASP A 419 -8.00 24.68 12.32
C ASP A 419 -7.34 23.30 12.22
N ALA A 420 -6.02 23.29 12.04
CA ALA A 420 -5.24 22.07 11.90
C ALA A 420 -5.39 21.13 13.09
N GLY A 421 -5.37 21.69 14.31
CA GLY A 421 -5.62 20.91 15.53
C GLY A 421 -6.94 20.15 15.49
N THR A 422 -8.01 20.85 15.14
CA THR A 422 -9.32 20.22 15.14
C THR A 422 -9.39 19.15 14.06
N TRP A 423 -8.99 19.51 12.84
CA TRP A 423 -8.96 18.59 11.70
C TRP A 423 -8.18 17.34 12.07
N LEU A 424 -6.99 17.53 12.65
CA LEU A 424 -6.13 16.41 12.99
C LEU A 424 -6.74 15.48 14.03
N GLU A 425 -7.47 16.05 14.99
CA GLU A 425 -8.20 15.28 16.00
C GLU A 425 -9.30 14.42 15.37
N ARG A 426 -10.04 15.02 14.44
CA ARG A 426 -11.05 14.27 13.67
C ARG A 426 -10.39 13.12 12.97
N TYR A 427 -9.24 13.41 12.35
CA TYR A 427 -8.51 12.41 11.60
C TYR A 427 -8.02 11.28 12.52
N VAL A 428 -7.41 11.63 13.64
CA VAL A 428 -6.88 10.62 14.53
C VAL A 428 -7.98 9.68 15.07
N ASP A 429 -9.12 10.26 15.46
CA ASP A 429 -10.23 9.48 15.99
C ASP A 429 -10.94 8.63 14.94
N ALA A 430 -10.81 9.03 13.67
CA ALA A 430 -11.33 8.23 12.56
C ALA A 430 -10.38 7.08 12.14
N TYR A 431 -9.09 7.27 12.37
CA TYR A 431 -8.05 6.39 11.86
C TYR A 431 -7.39 5.55 12.97
N LEU A 432 -6.78 6.27 13.91
CA LEU A 432 -5.95 5.65 14.94
C LEU A 432 -6.77 5.01 16.06
N THR A 433 -7.74 5.76 16.59
CA THR A 433 -8.53 5.31 17.72
C THR A 433 -9.21 3.94 17.50
N PRO A 434 -9.85 3.74 16.34
CA PRO A 434 -10.48 2.44 16.11
C PRO A 434 -9.47 1.28 16.05
N LEU A 435 -8.26 1.55 15.56
CA LEU A 435 -7.21 0.55 15.53
C LEU A 435 -6.80 0.16 16.95
N ILE A 436 -6.69 1.17 17.81
CA ILE A 436 -6.37 0.96 19.22
C ILE A 436 -7.49 0.16 19.91
N HIS A 437 -8.74 0.51 19.59
CA HIS A 437 -9.88 -0.22 20.17
C HIS A 437 -9.89 -1.67 19.67
N CYS A 438 -9.69 -1.82 18.38
CA CYS A 438 -9.64 -3.14 17.78
C CYS A 438 -8.59 -3.98 18.46
N PHE A 439 -7.44 -3.40 18.79
CA PHE A 439 -6.42 -4.14 19.52
C PHE A 439 -6.83 -4.44 20.98
N TYR A 440 -7.23 -3.42 21.73
CA TYR A 440 -7.53 -3.61 23.16
C TYR A 440 -8.74 -4.49 23.41
N ALA A 441 -9.81 -4.26 22.65
CA ALA A 441 -11.05 -5.01 22.79
C ALA A 441 -11.01 -6.39 22.11
N HIS A 442 -10.37 -6.51 20.93
CA HIS A 442 -10.43 -7.74 20.15
C HIS A 442 -9.09 -8.36 19.75
N ASP A 443 -7.98 -7.75 20.16
CA ASP A 443 -6.64 -8.22 19.75
C ASP A 443 -6.51 -8.27 18.23
N LEU A 444 -7.36 -7.47 17.58
CA LEU A 444 -7.53 -7.51 16.13
C LEU A 444 -6.68 -6.43 15.50
N VAL A 445 -5.79 -6.87 14.61
CA VAL A 445 -4.85 -5.96 13.94
C VAL A 445 -4.89 -6.11 12.42
N PHE A 446 -4.48 -5.05 11.73
CA PHE A 446 -4.59 -4.97 10.28
C PHE A 446 -3.21 -4.64 9.72
N MET A 447 -3.16 -4.10 8.51
CA MET A 447 -1.93 -3.45 8.02
C MET A 447 -2.31 -2.00 7.69
N PRO A 448 -2.34 -1.12 8.72
CA PRO A 448 -2.96 0.19 8.59
C PRO A 448 -2.15 1.28 7.91
N HIS A 449 -1.63 1.01 6.72
CA HIS A 449 -0.85 2.03 6.04
C HIS A 449 -1.70 2.89 5.07
N GLY A 450 -1.06 3.90 4.46
CA GLY A 450 -1.72 4.85 3.57
C GLY A 450 -2.53 4.21 2.45
N GLU A 451 -2.05 3.12 1.89
CA GLU A 451 -2.75 2.48 0.77
C GLU A 451 -3.90 1.56 1.20
N ASN A 452 -3.86 1.03 2.43
CA ASN A 452 -4.94 0.15 2.93
C ASN A 452 -6.12 0.87 3.61
N VAL A 453 -5.95 2.16 3.86
CA VAL A 453 -6.94 2.98 4.54
C VAL A 453 -7.56 3.96 3.56
N ILE A 454 -8.89 4.00 3.52
CA ILE A 454 -9.63 4.97 2.71
C ILE A 454 -10.47 5.86 3.65
N LEU A 455 -10.26 7.17 3.58
CA LEU A 455 -10.97 8.06 4.49
C LEU A 455 -12.27 8.51 3.84
N VAL A 456 -13.34 8.56 4.63
CA VAL A 456 -14.58 9.20 4.22
C VAL A 456 -14.43 10.65 4.59
N ILE A 457 -14.54 11.51 3.57
CA ILE A 457 -14.38 12.94 3.75
C ILE A 457 -15.71 13.63 3.56
N GLN A 458 -15.98 14.65 4.36
CA GLN A 458 -17.25 15.37 4.25
C GLN A 458 -16.95 16.87 4.28
N ASP A 459 -17.01 17.46 3.10
CA ASP A 459 -16.60 18.86 2.92
C ASP A 459 -15.26 19.13 3.60
N GLY A 460 -14.24 18.37 3.21
CA GLY A 460 -12.88 18.57 3.71
C GLY A 460 -12.54 17.90 5.02
N VAL A 461 -13.57 17.40 5.73
CA VAL A 461 -13.40 16.85 7.08
C VAL A 461 -13.37 15.31 7.07
N PRO A 462 -12.36 14.69 7.73
CA PRO A 462 -12.35 13.22 7.89
C PRO A 462 -13.39 12.81 8.93
N VAL A 463 -14.32 11.98 8.52
CA VAL A 463 -15.43 11.58 9.37
C VAL A 463 -15.21 10.18 9.91
N ARG A 464 -14.68 9.29 9.05
CA ARG A 464 -14.46 7.89 9.40
C ARG A 464 -13.58 7.22 8.34
N ALA A 465 -13.20 5.96 8.60
CA ALA A 465 -12.26 5.25 7.72
C ALA A 465 -12.77 3.88 7.31
N PHE A 466 -12.39 3.49 6.10
CA PHE A 466 -12.58 2.13 5.63
C PHE A 466 -11.20 1.48 5.71
N MET A 467 -11.18 0.19 6.07
CA MET A 467 -9.97 -0.65 6.00
C MET A 467 -10.10 -1.75 4.94
N LYS A 468 -9.10 -1.83 4.06
CA LYS A 468 -9.06 -2.88 3.05
C LYS A 468 -7.79 -3.71 3.23
N ASP A 469 -7.72 -4.81 2.47
CA ASP A 469 -6.65 -5.80 2.50
C ASP A 469 -6.69 -6.60 3.80
N ILE A 470 -7.72 -7.42 3.90
CA ILE A 470 -8.15 -7.97 5.16
C ILE A 470 -7.65 -9.39 5.44
N ALA A 471 -7.95 -10.36 4.56
CA ALA A 471 -7.59 -11.75 4.86
C ALA A 471 -6.08 -11.98 4.95
N GLU A 472 -5.33 -11.33 4.08
CA GLU A 472 -3.89 -11.50 3.99
C GLU A 472 -3.12 -10.66 5.03
N GLU A 473 -3.77 -9.69 5.65
CA GLU A 473 -3.05 -8.80 6.55
C GLU A 473 -3.50 -8.83 8.02
N SER A 474 -4.70 -9.37 8.27
CA SER A 474 -5.29 -9.31 9.61
C SER A 474 -4.91 -10.50 10.49
N SER A 475 -4.85 -10.25 11.80
CA SER A 475 -4.63 -11.28 12.81
C SER A 475 -5.41 -10.98 14.09
N ILE A 476 -5.94 -12.02 14.72
CA ILE A 476 -6.38 -11.91 16.10
C ILE A 476 -5.27 -12.45 17.02
N LEU A 477 -4.68 -11.54 17.79
CA LEU A 477 -3.54 -11.87 18.63
C LEU A 477 -3.97 -12.57 19.92
N ASN A 478 -4.66 -13.69 19.75
CA ASN A 478 -5.20 -14.46 20.85
C ASN A 478 -5.51 -15.85 20.34
N PRO A 479 -4.66 -16.84 20.66
CA PRO A 479 -4.86 -18.21 20.17
C PRO A 479 -6.14 -18.88 20.71
N GLN A 480 -6.76 -18.28 21.73
CA GLN A 480 -7.95 -18.86 22.35
C GLN A 480 -9.26 -18.44 21.67
N VAL A 481 -9.20 -17.46 20.77
CA VAL A 481 -10.41 -16.97 20.09
C VAL A 481 -11.14 -18.13 19.41
N ARG A 482 -12.47 -18.11 19.52
CA ARG A 482 -13.35 -19.13 18.92
C ARG A 482 -13.74 -18.77 17.47
N LEU A 483 -13.07 -19.41 16.51
CA LEU A 483 -13.21 -19.07 15.10
C LEU A 483 -13.91 -20.14 14.29
N PRO A 484 -14.77 -19.74 13.33
CA PRO A 484 -15.33 -20.72 12.40
C PRO A 484 -14.20 -21.46 11.71
N GLN A 485 -14.49 -22.69 11.32
CA GLN A 485 -13.48 -23.66 10.93
C GLN A 485 -12.62 -23.17 9.76
N ALA A 486 -13.28 -22.48 8.82
CA ALA A 486 -12.62 -21.93 7.62
C ALA A 486 -11.68 -20.74 7.89
N ALA A 487 -11.87 -20.05 9.02
CA ALA A 487 -11.12 -18.82 9.32
C ALA A 487 -9.94 -18.99 10.30
N GLN A 488 -9.63 -20.23 10.66
CA GLN A 488 -8.70 -20.53 11.75
C GLN A 488 -7.35 -19.84 11.72
N ARG A 489 -6.83 -19.57 10.52
CA ARG A 489 -5.51 -18.95 10.34
C ARG A 489 -5.43 -17.55 10.95
N LEU A 490 -6.57 -16.89 11.03
CA LEU A 490 -6.70 -15.55 11.62
C LEU A 490 -6.07 -15.40 13.01
N ALA A 491 -6.14 -16.45 13.82
CA ALA A 491 -5.54 -16.43 15.17
C ALA A 491 -4.02 -16.54 15.13
N ALA A 492 -3.36 -15.80 16.01
CA ALA A 492 -1.90 -15.76 16.04
C ALA A 492 -1.36 -15.72 17.47
N ASP A 493 -0.21 -16.36 17.66
CA ASP A 493 0.45 -16.47 18.95
C ASP A 493 1.75 -15.68 18.89
N VAL A 494 1.76 -14.52 19.53
CA VAL A 494 2.78 -13.54 19.28
C VAL A 494 3.53 -13.12 20.57
N PRO A 495 4.88 -13.07 20.53
CA PRO A 495 5.65 -12.50 21.63
C PRO A 495 5.06 -11.17 22.12
N GLU A 496 5.15 -10.96 23.44
CA GLU A 496 4.61 -9.77 24.10
C GLU A 496 5.06 -8.49 23.44
N ALA A 497 6.34 -8.43 23.11
CA ALA A 497 6.98 -7.22 22.63
C ALA A 497 6.43 -6.83 21.26
N TYR A 498 5.75 -7.79 20.63
CA TYR A 498 5.36 -7.65 19.24
C TYR A 498 3.88 -7.28 19.06
N LYS A 499 3.10 -7.41 20.12
CA LYS A 499 1.67 -7.15 20.09
C LYS A 499 1.26 -5.76 19.62
N LEU A 500 2.00 -4.74 20.04
CA LEU A 500 1.67 -3.37 19.68
C LEU A 500 2.40 -2.87 18.42
N LEU A 501 3.18 -3.75 17.79
CA LEU A 501 3.85 -3.44 16.52
C LEU A 501 2.99 -2.67 15.51
N THR A 502 1.73 -3.06 15.39
CA THR A 502 0.82 -2.42 14.43
C THR A 502 0.73 -0.91 14.65
N ILE A 503 0.77 -0.48 15.91
CA ILE A 503 0.75 0.93 16.22
C ILE A 503 2.15 1.51 16.10
N PHE A 504 3.10 0.90 16.80
CA PHE A 504 4.46 1.43 16.91
C PHE A 504 5.16 1.41 15.54
N VAL A 505 5.06 0.29 14.85
CA VAL A 505 5.73 0.10 13.56
C VAL A 505 4.91 0.65 12.38
N ASP A 506 3.72 0.12 12.15
CA ASP A 506 2.92 0.52 10.96
C ASP A 506 2.28 1.91 11.03
N VAL A 507 1.77 2.32 12.20
CA VAL A 507 1.24 3.67 12.36
C VAL A 507 2.32 4.76 12.67
N PHE A 508 3.01 4.65 13.80
CA PHE A 508 3.89 5.74 14.27
C PHE A 508 5.13 5.97 13.35
N GLU A 509 5.86 4.90 13.12
CA GLU A 509 7.10 4.99 12.39
C GLU A 509 6.83 4.84 10.88
N GLY A 510 5.81 4.07 10.53
CA GLY A 510 5.52 3.79 9.13
C GLY A 510 4.82 4.91 8.39
N TYR A 511 3.97 5.62 9.10
CA TYR A 511 3.08 6.58 8.48
C TYR A 511 3.11 7.97 9.16
N PHE A 512 2.86 8.02 10.47
CA PHE A 512 2.94 9.28 11.21
C PHE A 512 4.29 10.01 11.11
N ARG A 513 5.37 9.25 11.05
CA ARG A 513 6.71 9.83 10.91
C ARG A 513 6.80 10.68 9.64
N HIS A 514 6.13 10.26 8.58
CA HIS A 514 6.16 11.02 7.32
C HIS A 514 5.17 12.15 7.34
N LEU A 515 4.06 11.93 8.04
CA LEU A 515 3.02 12.96 8.17
C LEU A 515 3.50 14.24 8.89
N THR A 516 4.24 14.07 9.98
CA THR A 516 4.74 15.22 10.75
C THR A 516 5.78 16.02 9.99
N GLN A 517 6.56 15.35 9.15
CA GLN A 517 7.45 16.08 8.24
C GLN A 517 6.64 17.02 7.32
N ILE A 518 5.53 16.54 6.77
CA ILE A 518 4.60 17.41 6.02
C ILE A 518 4.04 18.53 6.92
N LEU A 519 3.64 18.16 8.13
CA LEU A 519 3.04 19.12 9.06
C LEU A 519 3.99 20.28 9.38
N VAL A 520 5.26 19.95 9.45
CA VAL A 520 6.32 20.88 9.77
C VAL A 520 6.76 21.71 8.53
N GLU A 521 6.86 21.06 7.38
CA GLU A 521 7.22 21.76 6.13
C GLU A 521 6.19 22.79 5.71
N THR A 522 4.93 22.48 5.99
CA THR A 522 3.80 23.30 5.61
C THR A 522 3.38 24.23 6.75
N GLU A 523 4.08 24.12 7.88
CA GLU A 523 3.81 24.96 9.07
C GLU A 523 2.38 24.83 9.61
N LEU A 524 1.76 23.67 9.38
CA LEU A 524 0.41 23.41 9.84
C LEU A 524 0.40 23.20 11.33
N MET A 525 1.46 22.59 11.83
CA MET A 525 1.55 22.24 13.24
C MET A 525 2.95 21.84 13.58
N PRO A 526 3.44 22.29 14.76
CA PRO A 526 4.72 21.80 15.25
C PRO A 526 4.61 20.33 15.59
N GLU A 527 5.72 19.61 15.46
CA GLU A 527 5.82 18.19 15.74
C GLU A 527 5.36 17.79 17.15
N HIS A 528 5.88 18.48 18.18
CA HIS A 528 5.50 18.26 19.58
CA HIS A 528 5.49 18.23 19.57
C HIS A 528 3.97 18.34 19.79
N ASP A 529 3.36 19.34 19.15
CA ASP A 529 1.92 19.51 19.17
C ASP A 529 1.12 18.34 18.55
N PHE A 530 1.69 17.68 17.53
CA PHE A 530 1.02 16.54 16.93
C PHE A 530 1.07 15.31 17.84
N TRP A 531 2.25 15.01 18.36
CA TRP A 531 2.38 13.92 19.31
C TRP A 531 1.56 14.10 20.58
N ARG A 532 1.48 15.34 21.08
CA ARG A 532 0.65 15.65 22.24
C ARG A 532 -0.83 15.38 21.91
N LEU A 533 -1.22 15.73 20.69
CA LEU A 533 -2.59 15.54 20.22
C LEU A 533 -2.94 14.05 20.17
N VAL A 534 -2.00 13.25 19.65
CA VAL A 534 -2.16 11.80 19.50
C VAL A 534 -2.27 11.12 20.87
N ALA A 535 -1.32 11.44 21.75
CA ALA A 535 -1.34 11.00 23.16
C ALA A 535 -2.66 11.28 23.88
N GLY A 536 -3.20 12.48 23.63
CA GLY A 536 -4.48 12.89 24.19
C GLY A 536 -5.67 12.08 23.68
N ARG A 537 -5.70 11.82 22.38
CA ARG A 537 -6.73 10.94 21.80
C ARG A 537 -6.67 9.51 22.36
N ILE A 538 -5.45 9.00 22.54
CA ILE A 538 -5.25 7.69 23.13
C ILE A 538 -5.71 7.69 24.59
N ALA A 539 -5.30 8.71 25.34
CA ALA A 539 -5.66 8.85 26.75
C ALA A 539 -7.17 9.01 26.94
N ALA A 540 -7.79 9.83 26.11
CA ALA A 540 -9.25 9.98 26.10
C ALA A 540 -9.98 8.67 25.80
N TYR A 541 -9.45 7.87 24.88
CA TYR A 541 -9.99 6.55 24.63
C TYR A 541 -9.91 5.68 25.90
N GLN A 542 -8.74 5.64 26.54
CA GLN A 542 -8.51 4.75 27.67
C GLN A 542 -9.43 5.12 28.85
N GLN A 543 -9.60 6.43 29.08
CA GLN A 543 -10.53 6.95 30.08
C GLN A 543 -12.00 6.60 29.83
N ALA A 544 -12.40 6.53 28.57
CA ALA A 544 -13.78 6.19 28.21
C ALA A 544 -14.01 4.69 28.29
N HIS A 545 -12.95 3.90 28.33
CA HIS A 545 -13.04 2.44 28.43
C HIS A 545 -12.15 1.98 29.57
N PRO A 546 -12.45 2.44 30.81
CA PRO A 546 -11.52 2.24 31.93
C PRO A 546 -11.32 0.78 32.34
N GLN A 547 -12.27 -0.09 32.00
CA GLN A 547 -12.23 -1.51 32.44
C GLN A 547 -11.07 -2.33 31.84
N ARG A 548 -10.48 -1.84 30.75
CA ARG A 548 -9.28 -2.50 30.17
C ARG A 548 -7.95 -1.88 30.62
N LEU A 549 -7.94 -1.29 31.81
CA LEU A 549 -6.68 -0.84 32.41
C LEU A 549 -5.65 -1.97 32.52
N ASP A 550 -6.09 -3.20 32.82
CA ASP A 550 -5.16 -4.34 32.83
C ASP A 550 -4.34 -4.36 31.54
N LYS A 551 -5.02 -4.19 30.41
CA LYS A 551 -4.39 -4.29 29.09
C LYS A 551 -3.61 -3.06 28.73
N TYR A 552 -4.08 -1.90 29.17
CA TYR A 552 -3.34 -0.65 28.97
C TYR A 552 -1.97 -0.70 29.63
N ARG A 553 -1.90 -1.25 30.83
CA ARG A 553 -0.63 -1.40 31.55
C ARG A 553 0.26 -2.51 30.97
N ARG A 554 -0.34 -3.64 30.61
CA ARG A 554 0.38 -4.77 30.00
C ARG A 554 0.97 -4.38 28.62
N TYR A 555 0.16 -3.73 27.79
CA TYR A 555 0.62 -3.26 26.50
C TYR A 555 0.64 -1.73 26.51
N ASP A 556 1.76 -1.19 26.99
CA ASP A 556 1.83 0.24 27.27
C ASP A 556 2.21 1.00 26.02
N LEU A 557 1.25 1.76 25.52
CA LEU A 557 1.41 2.59 24.35
C LEU A 557 2.27 3.81 24.70
N PHE A 558 2.46 4.02 26.00
CA PHE A 558 3.26 5.15 26.49
C PHE A 558 4.62 4.71 27.05
N ALA A 559 5.03 3.48 26.77
CA ALA A 559 6.37 3.00 27.13
C ALA A 559 7.49 3.95 26.63
N PRO A 560 8.67 3.94 27.31
CA PRO A 560 9.71 4.91 26.94
C PRO A 560 10.23 4.71 25.52
N ASP A 561 10.47 3.47 25.11
CA ASP A 561 10.91 3.17 23.74
C ASP A 561 10.06 2.09 23.09
N MET A 562 10.34 1.81 21.81
CA MET A 562 9.55 0.85 21.04
C MET A 562 10.40 0.13 19.99
N ILE A 563 9.95 -1.04 19.57
CA ILE A 563 10.67 -1.80 18.55
C ILE A 563 10.71 -1.03 17.21
N HIS A 564 11.89 -1.03 16.60
CA HIS A 564 12.12 -0.36 15.33
C HIS A 564 12.31 -1.41 14.24
N SER A 565 11.35 -1.50 13.33
CA SER A 565 11.49 -2.37 12.18
C SER A 565 12.08 -1.54 11.04
N CYS A 566 13.20 -2.02 10.49
CA CYS A 566 13.91 -1.37 9.38
C CYS A 566 13.43 -1.94 8.05
N LEU A 567 12.46 -1.26 7.44
CA LEU A 567 11.82 -1.77 6.23
C LEU A 567 12.77 -1.99 5.04
N ASN A 568 13.63 -1.02 4.79
CA ASN A 568 14.58 -1.11 3.68
C ASN A 568 15.58 -2.24 3.88
N ARG A 569 16.16 -2.33 5.09
CA ARG A 569 17.06 -3.42 5.44
C ARG A 569 16.39 -4.78 5.25
N LEU A 570 15.10 -4.84 5.55
CA LEU A 570 14.30 -6.03 5.31
C LEU A 570 14.09 -6.29 3.81
N GLN A 571 13.83 -5.24 3.03
CA GLN A 571 13.77 -5.40 1.57
C GLN A 571 15.13 -5.81 1.00
N LEU A 572 16.22 -5.24 1.53
CA LEU A 572 17.57 -5.52 1.05
C LEU A 572 18.01 -6.95 1.33
N ALA A 573 17.50 -7.52 2.42
CA ALA A 573 17.83 -8.87 2.82
C ALA A 573 17.00 -9.88 2.03
N ASN A 574 15.84 -9.42 1.53
CA ASN A 574 14.84 -10.26 0.85
C ASN A 574 15.44 -11.28 -0.11
N ALA A 591 17.71 -3.28 14.77
CA ALA A 591 18.18 -1.96 15.23
C ALA A 591 17.79 -1.71 16.69
N PRO A 592 18.51 -0.80 17.38
CA PRO A 592 18.08 -0.47 18.75
C PRO A 592 16.67 0.15 18.73
N ASN A 593 15.97 0.02 19.85
CA ASN A 593 14.66 0.61 20.02
C ASN A 593 14.67 2.11 19.77
N LEU A 594 13.59 2.63 19.19
CA LEU A 594 13.41 4.06 19.05
C LEU A 594 12.73 4.61 20.29
N PRO A 595 13.03 5.88 20.65
CA PRO A 595 12.21 6.52 21.67
C PRO A 595 10.76 6.66 21.19
N ASN A 596 9.82 6.46 22.11
CA ASN A 596 8.40 6.59 21.81
C ASN A 596 8.01 8.07 21.86
N PRO A 597 7.52 8.62 20.73
CA PRO A 597 7.17 10.04 20.65
C PRO A 597 6.07 10.49 21.63
N ILE A 598 5.32 9.55 22.20
CA ILE A 598 4.27 9.92 23.14
C ILE A 598 4.60 9.57 24.61
N ALA A 599 5.76 8.97 24.84
CA ALA A 599 6.23 8.64 26.19
C ALA A 599 6.08 9.80 27.19
N CYS A 600 6.53 10.98 26.81
CA CYS A 600 6.42 12.16 27.65
C CYS A 600 4.99 12.65 27.87
N PHE A 601 4.00 11.92 27.39
CA PHE A 601 2.62 12.32 27.64
C PHE A 601 1.87 11.29 28.49
N ARG A 602 2.63 10.44 29.17
CA ARG A 602 2.09 9.36 29.99
C ARG A 602 1.44 9.88 31.26
#